data_1KGT
#
_entry.id   1KGT
#
_cell.length_a   95.980
_cell.length_b   95.980
_cell.length_c   73.440
_cell.angle_alpha   90.00
_cell.angle_beta   90.00
_cell.angle_gamma   120.00
#
_symmetry.space_group_name_H-M   'H 3'
#
loop_
_entity.id
_entity.type
_entity.pdbx_description
1 polymer '2,3,4,5-TETRAHYDROPYRIDINE-2-CARBOXYLATE N-SUCCINYLTRANSFERASE'
2 non-polymer 'PIMELIC ACID'
3 non-polymer 'SUCCINYL-COENZYME A'
4 water water
#
_entity_poly.entity_id   1
_entity_poly.type   'polypeptide(L)'
_entity_poly.pdbx_seq_one_letter_code
;MQQLQNVIESAFERRADITPANVDTVTREAVNQVIGLLDSGALRVAEKIDGQWVTHQWLKKAVLLSFRINDNKVMDGAET
RYYDKVPMKFADYDEARFQKEGFRVVPPATVRQGAFIARNTVLMPSYVNIGAYVDEGTMVDTWATVGSCAQIGKNVHLSG
GVGIGGVLEPLQANPTIIEDNCFIGARSEVVEGVIVEEGSVISMGVYLGQSTRIYDRETGEIHYGRVPAGSVVVSGNLPS
KDGSYSLYCAVIVKKVDAKTRGKVGINELLRTID
;
_entity_poly.pdbx_strand_id   A
#
# COMPACT_ATOMS: atom_id res chain seq x y z
N MET A 1 -20.58 3.99 8.13
CA MET A 1 -21.39 3.26 9.11
C MET A 1 -21.36 4.00 10.43
N GLN A 2 -22.36 4.82 10.67
CA GLN A 2 -22.38 5.64 11.88
C GLN A 2 -22.17 4.84 13.18
N GLN A 3 -22.86 3.70 13.32
CA GLN A 3 -22.77 2.86 14.52
C GLN A 3 -21.36 2.48 14.95
N LEU A 4 -20.44 2.55 13.99
CA LEU A 4 -19.05 2.27 14.26
C LEU A 4 -18.37 3.62 14.23
N GLN A 5 -18.44 4.30 13.11
CA GLN A 5 -17.78 5.60 13.02
C GLN A 5 -17.94 6.43 14.24
N ASN A 6 -19.01 6.23 14.99
CA ASN A 6 -19.24 7.08 16.13
C ASN A 6 -18.38 6.80 17.35
N VAL A 7 -18.42 5.53 17.78
CA VAL A 7 -17.63 4.98 18.88
C VAL A 7 -16.14 5.12 18.61
N ILE A 8 -15.76 5.19 17.32
CA ILE A 8 -14.33 5.31 16.94
C ILE A 8 -13.74 6.70 17.12
N GLU A 9 -14.36 7.72 16.54
CA GLU A 9 -13.80 9.05 16.69
C GLU A 9 -13.99 9.53 18.14
N SER A 10 -14.72 8.73 18.92
CA SER A 10 -14.91 9.06 20.32
C SER A 10 -13.60 8.78 21.05
N ALA A 11 -13.18 7.51 21.02
CA ALA A 11 -11.93 7.06 21.65
C ALA A 11 -10.65 7.73 21.08
N PHE A 12 -10.57 7.82 19.76
CA PHE A 12 -9.40 8.44 19.18
C PHE A 12 -9.05 9.65 19.97
N GLU A 13 -10.08 10.36 20.40
CA GLU A 13 -9.91 11.59 21.17
C GLU A 13 -9.04 11.29 22.42
N ARG A 14 -9.36 10.23 23.13
CA ARG A 14 -8.59 9.86 24.32
C ARG A 14 -7.47 8.87 24.01
N ARG A 15 -7.02 8.86 22.76
CA ARG A 15 -5.99 7.90 22.32
C ARG A 15 -4.82 7.58 23.29
N ALA A 16 -4.26 8.60 23.91
CA ALA A 16 -3.11 8.39 24.79
C ALA A 16 -3.44 7.86 26.18
N ASP A 17 -4.73 7.76 26.48
CA ASP A 17 -5.15 7.29 27.79
C ASP A 17 -5.84 5.94 27.80
N ILE A 18 -6.09 5.39 26.63
CA ILE A 18 -6.71 4.08 26.55
C ILE A 18 -5.56 3.12 26.58
N THR A 19 -5.82 1.92 27.05
CA THR A 19 -4.79 0.89 27.12
C THR A 19 -5.48 -0.46 27.03
N PRO A 20 -4.72 -1.50 26.80
CA PRO A 20 -5.29 -2.83 26.72
C PRO A 20 -6.06 -3.25 28.00
N ALA A 21 -5.99 -2.47 29.06
CA ALA A 21 -6.66 -2.83 30.30
C ALA A 21 -7.81 -1.90 30.67
N ASN A 22 -7.62 -0.62 30.46
CA ASN A 22 -8.62 0.34 30.82
C ASN A 22 -9.66 0.60 29.71
N VAL A 23 -9.61 -0.19 28.64
CA VAL A 23 -10.54 0.01 27.52
C VAL A 23 -11.87 -0.75 27.72
N ASP A 24 -12.98 -0.12 27.33
CA ASP A 24 -14.33 -0.73 27.47
C ASP A 24 -14.70 -1.68 26.30
N THR A 25 -15.17 -2.90 26.63
CA THR A 25 -15.53 -3.87 25.57
C THR A 25 -16.32 -3.27 24.41
N VAL A 26 -16.97 -2.14 24.67
CA VAL A 26 -17.73 -1.43 23.65
C VAL A 26 -16.79 -1.02 22.54
N THR A 27 -15.82 -0.16 22.91
CA THR A 27 -14.82 0.36 21.98
C THR A 27 -13.96 -0.80 21.46
N ARG A 28 -13.68 -1.77 22.31
CA ARG A 28 -12.89 -2.89 21.86
C ARG A 28 -13.60 -3.62 20.68
N GLU A 29 -14.82 -4.10 20.92
CA GLU A 29 -15.61 -4.80 19.91
C GLU A 29 -15.72 -4.00 18.59
N ALA A 30 -15.82 -2.68 18.66
CA ALA A 30 -15.98 -1.89 17.44
C ALA A 30 -14.76 -1.91 16.60
N VAL A 31 -13.66 -1.47 17.21
CA VAL A 31 -12.41 -1.39 16.52
C VAL A 31 -12.23 -2.74 15.94
N ASN A 32 -12.56 -3.75 16.70
CA ASN A 32 -12.42 -5.08 16.14
C ASN A 32 -13.32 -5.32 14.88
N GLN A 33 -14.48 -4.67 14.87
CA GLN A 33 -15.43 -4.82 13.77
C GLN A 33 -14.91 -4.04 12.59
N VAL A 34 -14.54 -2.79 12.82
CA VAL A 34 -14.01 -1.96 11.78
C VAL A 34 -12.75 -2.58 11.09
N ILE A 35 -11.93 -3.28 11.87
CA ILE A 35 -10.75 -3.94 11.35
C ILE A 35 -11.15 -5.12 10.45
N GLY A 36 -12.13 -5.89 10.90
CA GLY A 36 -12.61 -7.03 10.13
C GLY A 36 -13.23 -6.62 8.78
N LEU A 37 -13.66 -5.36 8.65
CA LEU A 37 -14.31 -4.87 7.42
C LEU A 37 -13.30 -4.57 6.41
N LEU A 38 -12.22 -4.03 6.92
CA LEU A 38 -11.08 -3.67 6.12
C LEU A 38 -10.39 -4.97 5.64
N ASP A 39 -10.38 -5.96 6.52
CA ASP A 39 -9.76 -7.21 6.17
C ASP A 39 -10.46 -7.85 4.99
N SER A 40 -11.75 -7.54 4.82
CA SER A 40 -12.55 -8.14 3.78
C SER A 40 -12.89 -7.24 2.54
N GLY A 41 -12.29 -6.05 2.45
CA GLY A 41 -12.51 -5.15 1.33
C GLY A 41 -13.88 -4.50 1.36
N ALA A 42 -14.70 -4.98 2.31
CA ALA A 42 -16.02 -4.44 2.57
C ALA A 42 -15.86 -2.94 2.83
N LEU A 43 -14.78 -2.58 3.53
CA LEU A 43 -14.45 -1.17 3.81
C LEU A 43 -13.03 -0.88 3.32
N ARG A 44 -12.72 0.38 3.02
CA ARG A 44 -11.38 0.69 2.55
C ARG A 44 -10.93 2.12 2.83
N VAL A 45 -9.73 2.24 3.38
CA VAL A 45 -9.21 3.53 3.82
C VAL A 45 -9.32 4.65 2.86
N ALA A 46 -9.26 4.35 1.60
CA ALA A 46 -9.36 5.42 0.61
C ALA A 46 -10.04 4.93 -0.64
N GLU A 47 -10.69 5.85 -1.32
CA GLU A 47 -11.39 5.53 -2.54
C GLU A 47 -11.56 6.64 -3.48
N LYS A 48 -11.75 6.28 -4.71
CA LYS A 48 -11.88 7.27 -5.74
C LYS A 48 -13.34 7.53 -5.93
N ILE A 49 -13.65 8.80 -6.00
CA ILE A 49 -15.00 9.22 -6.17
C ILE A 49 -14.96 10.46 -7.03
N ASP A 50 -15.81 10.48 -8.04
CA ASP A 50 -15.86 11.61 -8.93
C ASP A 50 -14.47 11.99 -9.41
N GLY A 51 -13.68 10.96 -9.73
CA GLY A 51 -12.32 11.16 -10.26
C GLY A 51 -11.38 11.88 -9.31
N GLN A 52 -11.59 11.63 -8.01
CA GLN A 52 -10.75 12.19 -6.97
C GLN A 52 -10.60 11.11 -5.93
N TRP A 53 -9.40 11.01 -5.36
CA TRP A 53 -9.18 10.03 -4.32
C TRP A 53 -9.52 10.68 -3.01
N VAL A 54 -10.24 9.96 -2.17
CA VAL A 54 -10.60 10.51 -0.89
C VAL A 54 -10.31 9.63 0.30
N THR A 55 -9.62 10.21 1.27
CA THR A 55 -9.25 9.46 2.46
C THR A 55 -10.35 9.48 3.51
N HIS A 56 -10.70 8.31 4.07
CA HIS A 56 -11.62 8.21 5.19
C HIS A 56 -10.79 8.27 6.48
N GLN A 57 -10.34 9.48 6.83
CA GLN A 57 -9.50 9.73 8.05
C GLN A 57 -9.93 8.92 9.26
N TRP A 58 -11.21 8.72 9.43
CA TRP A 58 -11.66 7.96 10.57
C TRP A 58 -11.36 6.49 10.51
N LEU A 59 -11.08 5.97 9.33
CA LEU A 59 -10.76 4.55 9.25
C LEU A 59 -9.25 4.40 9.62
N LYS A 60 -8.47 5.41 9.26
CA LYS A 60 -7.07 5.51 9.62
C LYS A 60 -7.04 5.49 11.16
N LYS A 61 -7.93 6.28 11.76
CA LYS A 61 -8.05 6.32 13.23
C LYS A 61 -8.28 4.97 13.82
N ALA A 62 -9.14 4.18 13.24
CA ALA A 62 -9.39 2.85 13.81
C ALA A 62 -8.11 2.01 13.77
N VAL A 63 -7.33 2.19 12.70
CA VAL A 63 -6.10 1.43 12.55
C VAL A 63 -5.15 1.84 13.66
N LEU A 64 -4.90 3.14 13.78
CA LEU A 64 -4.10 3.62 14.90
C LEU A 64 -4.56 3.01 16.25
N LEU A 65 -5.86 3.03 16.53
CA LEU A 65 -6.39 2.54 17.80
C LEU A 65 -6.29 1.07 17.99
N SER A 66 -6.14 0.32 16.93
CA SER A 66 -6.02 -1.10 17.16
C SER A 66 -4.79 -1.36 18.02
N PHE A 67 -3.81 -0.48 17.91
CA PHE A 67 -2.51 -0.60 18.61
C PHE A 67 -2.55 -0.25 20.08
N ARG A 68 -3.58 0.50 20.47
CA ARG A 68 -3.76 0.91 21.85
C ARG A 68 -4.66 -0.03 22.57
N ILE A 69 -5.57 -0.63 21.83
CA ILE A 69 -6.56 -1.51 22.42
C ILE A 69 -6.12 -2.95 22.54
N ASN A 70 -5.14 -3.37 21.74
CA ASN A 70 -4.72 -4.79 21.81
C ASN A 70 -3.41 -4.98 22.50
N ASP A 71 -3.21 -6.19 23.01
CA ASP A 71 -1.96 -6.49 23.68
C ASP A 71 -1.11 -7.50 22.91
N ASN A 72 0.21 -7.39 23.07
CA ASN A 72 1.15 -8.28 22.41
C ASN A 72 0.98 -9.66 23.02
N LYS A 73 1.17 -10.65 22.17
CA LYS A 73 1.09 -12.04 22.56
C LYS A 73 2.22 -12.75 21.83
N VAL A 74 2.74 -13.81 22.41
CA VAL A 74 3.83 -14.51 21.77
C VAL A 74 3.36 -15.32 20.59
N MET A 75 4.13 -15.23 19.51
CA MET A 75 3.83 -15.98 18.31
C MET A 75 4.92 -17.03 18.15
N ASP A 76 4.52 -18.27 18.00
CA ASP A 76 5.48 -19.33 17.88
C ASP A 76 6.01 -19.50 16.49
N GLY A 77 7.22 -19.02 16.26
CA GLY A 77 7.84 -19.22 14.97
C GLY A 77 8.34 -20.65 15.09
N ALA A 78 9.00 -21.16 14.07
CA ALA A 78 9.49 -22.51 14.16
C ALA A 78 10.76 -22.51 15.00
N GLU A 79 11.80 -21.94 14.41
CA GLU A 79 13.12 -21.86 15.00
C GLU A 79 13.27 -20.66 15.95
N THR A 80 12.30 -19.75 15.92
CA THR A 80 12.35 -18.57 16.76
C THR A 80 10.97 -18.18 17.25
N ARG A 81 10.84 -17.01 17.87
CA ARG A 81 9.55 -16.58 18.42
C ARG A 81 9.26 -15.10 18.26
N TYR A 82 7.97 -14.77 18.19
CA TYR A 82 7.60 -13.38 18.02
C TYR A 82 6.75 -12.84 19.15
N TYR A 83 6.71 -11.54 19.24
CA TYR A 83 5.97 -10.84 20.25
C TYR A 83 5.39 -9.59 19.61
N ASP A 84 4.12 -9.66 19.24
CA ASP A 84 3.43 -8.53 18.58
C ASP A 84 1.93 -8.61 18.80
N LYS A 85 1.24 -7.52 18.48
CA LYS A 85 -0.20 -7.40 18.68
C LYS A 85 -1.10 -7.53 17.44
N VAL A 86 -0.54 -7.64 16.23
CA VAL A 86 -1.38 -7.80 15.07
C VAL A 86 -1.27 -9.18 14.49
N PRO A 87 -2.39 -9.86 14.50
CA PRO A 87 -2.50 -11.23 14.01
C PRO A 87 -2.13 -11.47 12.54
N MET A 88 -1.82 -12.71 12.25
CA MET A 88 -1.52 -13.10 10.89
C MET A 88 -2.79 -13.35 10.09
N LYS A 89 -2.95 -12.64 9.00
CA LYS A 89 -4.12 -12.83 8.19
C LYS A 89 -4.43 -14.24 7.82
N PHE A 90 -3.44 -14.96 7.33
CA PHE A 90 -3.69 -16.29 6.81
C PHE A 90 -3.60 -17.45 7.76
N ALA A 91 -3.42 -17.16 9.04
CA ALA A 91 -3.31 -18.22 10.04
C ALA A 91 -4.50 -19.21 10.17
N ASP A 92 -5.74 -18.77 9.96
CA ASP A 92 -6.90 -19.67 10.07
C ASP A 92 -7.27 -20.41 8.75
N TYR A 93 -6.91 -19.83 7.61
CA TYR A 93 -7.21 -20.40 6.29
C TYR A 93 -6.90 -21.87 6.13
N ASP A 94 -7.70 -22.53 5.32
CA ASP A 94 -7.48 -23.92 4.97
C ASP A 94 -7.49 -23.91 3.43
N GLU A 95 -7.26 -25.05 2.80
CA GLU A 95 -7.19 -25.05 1.34
C GLU A 95 -8.46 -24.60 0.71
N ALA A 96 -9.57 -24.94 1.35
CA ALA A 96 -10.87 -24.59 0.87
C ALA A 96 -10.90 -23.11 0.67
N ARG A 97 -10.60 -22.40 1.74
CA ARG A 97 -10.61 -20.96 1.72
C ARG A 97 -9.68 -20.34 0.71
N PHE A 98 -8.45 -20.86 0.64
CA PHE A 98 -7.48 -20.33 -0.30
C PHE A 98 -8.05 -20.56 -1.69
N GLN A 99 -8.65 -21.73 -1.84
CA GLN A 99 -9.22 -22.09 -3.13
C GLN A 99 -10.23 -21.12 -3.63
N LYS A 100 -11.11 -20.69 -2.77
CA LYS A 100 -12.15 -19.75 -3.16
C LYS A 100 -11.66 -18.34 -3.21
N GLU A 101 -10.69 -18.00 -2.36
CA GLU A 101 -10.17 -16.63 -2.36
C GLU A 101 -9.32 -16.28 -3.62
N GLY A 102 -8.76 -17.30 -4.26
CA GLY A 102 -8.05 -17.17 -5.54
C GLY A 102 -6.79 -16.34 -5.76
N PHE A 103 -5.86 -16.36 -4.79
CA PHE A 103 -4.60 -15.63 -5.01
C PHE A 103 -3.54 -16.62 -4.63
N ARG A 104 -2.27 -16.27 -4.84
CA ARG A 104 -1.22 -17.24 -4.50
C ARG A 104 -0.29 -16.64 -3.45
N VAL A 105 0.11 -17.43 -2.48
CA VAL A 105 0.97 -16.90 -1.42
C VAL A 105 2.26 -17.64 -1.29
N VAL A 106 3.30 -17.03 -1.81
CA VAL A 106 4.60 -17.67 -1.75
C VAL A 106 5.36 -17.48 -0.43
N PRO A 107 5.74 -18.57 0.22
CA PRO A 107 6.46 -18.48 1.46
C PRO A 107 7.81 -17.92 1.17
N PRO A 108 8.29 -17.08 2.10
CA PRO A 108 7.53 -16.81 3.32
C PRO A 108 6.73 -15.47 3.31
N ALA A 109 5.95 -15.21 2.25
CA ALA A 109 5.13 -13.98 2.16
C ALA A 109 4.28 -13.86 3.42
N THR A 110 4.14 -12.64 3.91
CA THR A 110 3.41 -12.38 5.15
C THR A 110 2.41 -11.21 5.09
N VAL A 111 1.17 -11.46 5.54
CA VAL A 111 0.16 -10.40 5.54
C VAL A 111 -0.45 -10.22 6.88
N ARG A 112 -0.61 -8.97 7.29
CA ARG A 112 -1.24 -8.66 8.59
C ARG A 112 -2.77 -8.66 8.45
N GLN A 113 -3.47 -8.97 9.54
CA GLN A 113 -4.92 -8.92 9.47
C GLN A 113 -5.37 -7.49 9.33
N GLY A 114 -6.40 -7.25 8.51
CA GLY A 114 -6.89 -5.89 8.28
C GLY A 114 -6.34 -5.40 6.95
N ALA A 115 -5.82 -6.32 6.15
CA ALA A 115 -5.30 -5.93 4.85
C ALA A 115 -6.11 -6.67 3.82
N PHE A 116 -6.44 -6.00 2.73
CA PHE A 116 -7.21 -6.69 1.68
C PHE A 116 -6.40 -7.19 0.47
N ILE A 117 -6.48 -8.48 0.25
CA ILE A 117 -5.82 -9.13 -0.86
C ILE A 117 -6.92 -9.61 -1.88
N ALA A 118 -6.94 -9.02 -3.07
CA ALA A 118 -7.93 -9.44 -4.08
C ALA A 118 -7.71 -10.80 -4.72
N ARG A 119 -8.59 -11.13 -5.63
CA ARG A 119 -8.54 -12.38 -6.35
C ARG A 119 -7.45 -12.33 -7.43
N ASN A 120 -6.85 -13.49 -7.70
CA ASN A 120 -5.89 -13.55 -8.77
C ASN A 120 -4.63 -12.68 -8.55
N THR A 121 -4.14 -12.63 -7.33
CA THR A 121 -2.97 -11.84 -7.08
C THR A 121 -1.88 -12.79 -6.77
N VAL A 122 -0.67 -12.29 -6.77
CA VAL A 122 0.41 -13.17 -6.45
C VAL A 122 1.30 -12.48 -5.45
N LEU A 123 1.51 -13.10 -4.32
CA LEU A 123 2.41 -12.49 -3.38
C LEU A 123 3.71 -13.25 -3.36
N MET A 124 4.74 -12.69 -3.96
CA MET A 124 6.04 -13.36 -3.81
C MET A 124 6.35 -13.04 -2.30
N PRO A 125 7.45 -13.55 -1.75
CA PRO A 125 7.78 -13.26 -0.34
C PRO A 125 7.92 -11.76 -0.15
N SER A 126 7.01 -11.22 0.65
CA SER A 126 6.91 -9.77 0.81
C SER A 126 6.11 -9.43 2.05
N TYR A 127 5.74 -8.16 2.15
CA TYR A 127 4.98 -7.70 3.31
C TYR A 127 3.82 -6.80 2.97
N VAL A 128 2.66 -7.14 3.52
CA VAL A 128 1.46 -6.30 3.36
C VAL A 128 0.98 -5.89 4.74
N ASN A 129 1.11 -4.61 5.02
CA ASN A 129 0.75 -4.11 6.33
C ASN A 129 -0.78 -3.82 6.48
N ILE A 130 -1.18 -3.66 7.74
CA ILE A 130 -2.57 -3.45 8.10
C ILE A 130 -3.28 -2.29 7.39
N GLY A 131 -4.52 -2.55 6.99
CA GLY A 131 -5.34 -1.55 6.33
C GLY A 131 -5.01 -1.29 4.89
N ALA A 132 -4.13 -2.07 4.30
CA ALA A 132 -3.80 -1.82 2.91
C ALA A 132 -4.77 -2.56 1.96
N TYR A 133 -4.82 -2.12 0.73
CA TYR A 133 -5.72 -2.77 -0.25
C TYR A 133 -4.97 -3.08 -1.52
N VAL A 134 -4.96 -4.35 -1.89
CA VAL A 134 -4.29 -4.84 -3.14
C VAL A 134 -5.32 -5.44 -4.11
N ASP A 135 -5.56 -4.74 -5.20
CA ASP A 135 -6.57 -5.21 -6.14
C ASP A 135 -6.19 -6.36 -7.04
N GLU A 136 -7.14 -6.75 -7.86
CA GLU A 136 -7.03 -7.90 -8.76
C GLU A 136 -5.91 -7.95 -9.77
N GLY A 137 -5.39 -9.16 -9.94
CA GLY A 137 -4.35 -9.42 -10.92
C GLY A 137 -2.97 -8.84 -10.59
N THR A 138 -2.81 -8.31 -9.38
CA THR A 138 -1.58 -7.68 -9.05
C THR A 138 -0.47 -8.59 -8.59
N MET A 139 0.76 -8.23 -8.90
CA MET A 139 1.84 -9.03 -8.35
C MET A 139 2.71 -8.17 -7.47
N VAL A 140 3.08 -8.71 -6.31
CA VAL A 140 3.98 -8.03 -5.38
C VAL A 140 5.23 -8.90 -5.39
N ASP A 141 6.27 -8.43 -6.06
CA ASP A 141 7.49 -9.20 -6.20
C ASP A 141 8.29 -9.35 -4.88
N THR A 142 9.41 -10.06 -4.94
CA THR A 142 10.19 -10.38 -3.75
C THR A 142 10.77 -9.24 -2.94
N TRP A 143 10.59 -9.31 -1.63
CA TRP A 143 11.01 -8.26 -0.71
C TRP A 143 10.36 -6.90 -0.99
N ALA A 144 9.16 -6.90 -1.52
CA ALA A 144 8.50 -5.63 -1.79
C ALA A 144 7.69 -5.29 -0.54
N THR A 145 7.29 -4.05 -0.37
CA THR A 145 6.49 -3.77 0.80
C THR A 145 5.30 -2.91 0.53
N VAL A 146 4.10 -3.40 0.92
CA VAL A 146 2.89 -2.58 0.76
C VAL A 146 2.59 -1.95 2.12
N GLY A 147 2.95 -0.68 2.29
CA GLY A 147 2.80 0.03 3.58
C GLY A 147 1.37 0.13 4.12
N SER A 148 1.27 0.33 5.43
CA SER A 148 -0.06 0.48 6.11
C SER A 148 -1.00 1.48 5.30
N CYS A 149 -2.22 1.03 4.99
CA CYS A 149 -3.23 1.83 4.25
C CYS A 149 -2.99 2.15 2.84
N ALA A 150 -1.88 1.67 2.30
CA ALA A 150 -1.61 1.97 0.91
C ALA A 150 -2.70 1.36 -0.04
N GLN A 151 -2.96 2.03 -1.15
CA GLN A 151 -3.97 1.55 -2.11
C GLN A 151 -3.30 1.09 -3.43
N ILE A 152 -3.43 -0.21 -3.70
CA ILE A 152 -2.81 -0.79 -4.90
C ILE A 152 -3.87 -1.21 -5.88
N GLY A 153 -3.78 -0.69 -7.08
CA GLY A 153 -4.78 -1.01 -8.13
C GLY A 153 -4.73 -2.42 -8.74
N LYS A 154 -5.55 -2.64 -9.78
CA LYS A 154 -5.63 -3.94 -10.50
C LYS A 154 -4.52 -4.06 -11.49
N ASN A 155 -4.03 -5.28 -11.66
CA ASN A 155 -2.99 -5.51 -12.63
C ASN A 155 -1.83 -4.58 -12.44
N VAL A 156 -1.27 -4.57 -11.26
CA VAL A 156 -0.13 -3.70 -11.03
C VAL A 156 1.08 -4.58 -10.81
N HIS A 157 2.23 -4.13 -11.29
CA HIS A 157 3.44 -4.89 -11.01
C HIS A 157 4.39 -4.09 -10.11
N LEU A 158 4.52 -4.57 -8.89
CA LEU A 158 5.44 -3.96 -7.92
C LEU A 158 6.65 -4.86 -8.00
N SER A 159 7.72 -4.40 -8.62
CA SER A 159 8.93 -5.26 -8.74
C SER A 159 9.64 -5.51 -7.41
N GLY A 160 10.68 -6.34 -7.45
CA GLY A 160 11.44 -6.67 -6.26
C GLY A 160 12.02 -5.46 -5.51
N GLY A 161 12.01 -5.56 -4.19
CA GLY A 161 12.57 -4.54 -3.33
C GLY A 161 11.83 -3.21 -3.47
N VAL A 162 10.60 -3.22 -3.95
CA VAL A 162 9.88 -1.96 -4.10
C VAL A 162 9.16 -1.64 -2.80
N GLY A 163 9.18 -0.38 -2.40
CA GLY A 163 8.51 0.00 -1.19
C GLY A 163 7.38 1.01 -1.43
N ILE A 164 6.22 0.74 -0.87
CA ILE A 164 5.09 1.68 -1.00
C ILE A 164 4.81 2.28 0.40
N GLY A 165 5.10 3.55 0.56
CA GLY A 165 4.96 4.24 1.85
C GLY A 165 3.65 3.98 2.62
N GLY A 166 3.77 3.87 3.95
CA GLY A 166 2.62 3.67 4.82
C GLY A 166 2.20 5.03 5.43
N VAL A 167 1.41 4.96 6.47
CA VAL A 167 0.97 6.18 7.13
C VAL A 167 1.22 6.16 8.66
N LEU A 168 1.71 5.03 9.20
CA LEU A 168 1.96 4.87 10.64
C LEU A 168 3.22 5.56 11.23
N GLU A 169 4.38 5.21 10.70
CA GLU A 169 5.63 5.85 11.15
C GLU A 169 6.55 5.95 9.96
N PRO A 170 6.85 7.19 9.51
CA PRO A 170 6.31 8.44 10.12
C PRO A 170 4.80 8.70 9.86
N LEU A 171 4.09 9.25 10.83
CA LEU A 171 2.66 9.53 10.64
C LEU A 171 2.34 10.38 9.36
N GLN A 172 1.39 9.92 8.53
CA GLN A 172 1.07 10.61 7.28
C GLN A 172 -0.36 11.02 7.22
N ALA A 173 -0.63 12.07 6.46
CA ALA A 173 -2.01 12.53 6.27
C ALA A 173 -2.78 11.57 5.38
N ASN A 174 -2.28 11.39 4.14
CA ASN A 174 -2.88 10.50 3.14
C ASN A 174 -2.06 9.30 2.80
N PRO A 175 -2.74 8.23 2.41
CA PRO A 175 -2.08 7.01 2.04
C PRO A 175 -1.43 7.12 0.67
N THR A 176 -0.61 6.13 0.34
CA THR A 176 0.03 6.19 -0.93
C THR A 176 -0.81 5.41 -1.89
N ILE A 177 -0.96 5.91 -3.11
CA ILE A 177 -1.84 5.23 -4.04
C ILE A 177 -1.24 4.99 -5.39
N ILE A 178 -1.42 3.76 -5.87
CA ILE A 178 -0.96 3.38 -7.19
C ILE A 178 -2.16 3.00 -7.98
N GLU A 179 -2.43 3.74 -9.04
CA GLU A 179 -3.61 3.39 -9.83
C GLU A 179 -3.43 2.07 -10.66
N ASP A 180 -4.51 1.62 -11.29
CA ASP A 180 -4.50 0.37 -12.08
C ASP A 180 -3.46 0.34 -13.20
N ASN A 181 -3.02 -0.86 -13.53
CA ASN A 181 -2.12 -1.03 -14.67
C ASN A 181 -0.81 -0.28 -14.64
N CYS A 182 -0.29 -0.07 -13.45
CA CYS A 182 0.99 0.63 -13.30
C CYS A 182 2.08 -0.39 -13.11
N PHE A 183 3.28 -0.02 -13.53
CA PHE A 183 4.42 -0.92 -13.39
C PHE A 183 5.45 -0.21 -12.53
N ILE A 184 5.86 -0.79 -11.40
CA ILE A 184 6.92 -0.12 -10.62
C ILE A 184 8.22 -0.88 -10.65
N GLY A 185 9.26 -0.21 -11.13
CA GLY A 185 10.59 -0.80 -11.26
C GLY A 185 11.25 -1.19 -9.95
N ALA A 186 12.16 -2.14 -10.07
CA ALA A 186 12.92 -2.70 -8.96
C ALA A 186 13.52 -1.66 -8.04
N ARG A 187 13.46 -1.96 -6.75
CA ARG A 187 14.02 -1.08 -5.71
C ARG A 187 13.55 0.38 -5.71
N SER A 188 12.39 0.64 -6.27
CA SER A 188 11.89 2.01 -6.23
C SER A 188 11.01 2.26 -4.94
N GLU A 189 10.85 3.53 -4.60
CA GLU A 189 10.07 3.87 -3.43
C GLU A 189 9.04 4.98 -3.71
N VAL A 190 7.82 4.76 -3.27
CA VAL A 190 6.77 5.78 -3.49
C VAL A 190 6.11 6.05 -2.13
N VAL A 191 6.24 7.30 -1.66
CA VAL A 191 5.76 7.63 -0.32
C VAL A 191 5.01 8.94 -0.17
N GLU A 192 4.53 9.18 1.06
CA GLU A 192 3.89 10.43 1.44
C GLU A 192 2.68 10.89 0.64
N GLY A 193 1.77 9.96 0.36
CA GLY A 193 0.54 10.27 -0.31
C GLY A 193 0.74 10.72 -1.73
N VAL A 194 1.78 10.25 -2.37
CA VAL A 194 1.97 10.60 -3.78
C VAL A 194 1.05 9.68 -4.58
N ILE A 195 0.50 10.18 -5.68
CA ILE A 195 -0.38 9.35 -6.45
C ILE A 195 0.19 8.99 -7.83
N VAL A 196 0.26 7.70 -8.16
CA VAL A 196 0.76 7.31 -9.50
C VAL A 196 -0.44 6.96 -10.38
N GLU A 197 -0.71 7.82 -11.37
CA GLU A 197 -1.85 7.63 -12.26
C GLU A 197 -1.74 6.40 -13.13
N GLU A 198 -2.87 5.82 -13.45
CA GLU A 198 -2.91 4.58 -14.18
C GLU A 198 -2.11 4.45 -15.46
N GLY A 199 -1.66 3.23 -15.70
CA GLY A 199 -0.87 2.93 -16.87
C GLY A 199 0.51 3.57 -16.89
N SER A 200 1.02 4.05 -15.74
CA SER A 200 2.36 4.69 -15.70
C SER A 200 3.47 3.66 -15.49
N VAL A 201 4.70 3.99 -15.90
CA VAL A 201 5.83 3.08 -15.74
C VAL A 201 6.96 3.81 -15.05
N ILE A 202 7.28 3.35 -13.84
CA ILE A 202 8.37 3.98 -13.07
C ILE A 202 9.54 3.03 -13.22
N SER A 203 10.68 3.57 -13.63
CA SER A 203 11.87 2.74 -13.81
C SER A 203 12.40 2.22 -12.45
N MET A 204 13.62 1.69 -12.45
CA MET A 204 14.31 1.15 -11.25
C MET A 204 14.95 2.28 -10.43
N GLY A 205 15.12 2.06 -9.15
CA GLY A 205 15.82 3.09 -8.36
C GLY A 205 15.23 4.50 -8.50
N VAL A 206 13.90 4.61 -8.55
CA VAL A 206 13.23 5.93 -8.61
C VAL A 206 12.53 6.13 -7.25
N TYR A 207 12.70 7.30 -6.68
CA TYR A 207 12.19 7.58 -5.33
C TYR A 207 11.30 8.78 -5.37
N LEU A 208 10.04 8.62 -5.01
CA LEU A 208 9.13 9.78 -5.07
C LEU A 208 8.46 10.10 -3.77
N GLY A 209 8.74 11.30 -3.25
CA GLY A 209 8.08 11.80 -2.02
C GLY A 209 7.52 13.17 -2.36
N GLN A 210 6.91 13.85 -1.40
CA GLN A 210 6.36 15.16 -1.73
C GLN A 210 7.38 16.23 -2.13
N SER A 211 8.61 16.08 -1.73
CA SER A 211 9.63 17.06 -2.11
C SER A 211 10.31 16.75 -3.46
N THR A 212 9.93 15.63 -4.07
CA THR A 212 10.54 15.24 -5.35
C THR A 212 10.00 15.97 -6.58
N ARG A 213 10.88 16.64 -7.30
CA ARG A 213 10.48 17.31 -8.52
C ARG A 213 10.31 16.25 -9.59
N ILE A 214 9.14 16.21 -10.22
CA ILE A 214 8.90 15.28 -11.31
C ILE A 214 8.95 16.16 -12.56
N TYR A 215 10.05 16.07 -13.27
CA TYR A 215 10.28 16.94 -14.39
C TYR A 215 9.91 16.40 -15.77
N ASP A 216 9.23 17.23 -16.56
CA ASP A 216 8.82 16.85 -17.89
C ASP A 216 9.73 17.53 -18.89
N ARG A 217 10.74 16.83 -19.37
CA ARG A 217 11.66 17.43 -20.32
C ARG A 217 10.95 18.09 -21.53
N GLU A 218 9.79 17.54 -21.90
CA GLU A 218 9.00 18.07 -23.01
C GLU A 218 8.45 19.46 -22.67
N THR A 219 7.50 19.51 -21.75
CA THR A 219 6.85 20.75 -21.36
C THR A 219 7.67 21.72 -20.55
N GLY A 220 8.60 21.21 -19.75
CA GLY A 220 9.37 22.09 -18.88
C GLY A 220 8.53 22.24 -17.61
N GLU A 221 7.40 21.54 -17.58
CA GLU A 221 6.53 21.58 -16.40
C GLU A 221 7.00 20.62 -15.33
N ILE A 222 7.03 21.11 -14.09
CA ILE A 222 7.46 20.34 -12.94
C ILE A 222 6.30 19.98 -12.07
N HIS A 223 6.12 18.69 -11.79
CA HIS A 223 5.04 18.22 -10.92
C HIS A 223 5.52 17.89 -9.54
N TYR A 224 4.58 17.83 -8.62
CA TYR A 224 4.86 17.50 -7.27
C TYR A 224 3.67 16.70 -6.80
N GLY A 225 3.89 15.48 -6.28
CA GLY A 225 2.83 14.70 -5.68
C GLY A 225 2.12 13.69 -6.55
N ARG A 226 2.35 13.74 -7.86
CA ARG A 226 1.63 12.79 -8.71
C ARG A 226 2.23 12.55 -10.03
N VAL A 227 2.00 11.36 -10.56
CA VAL A 227 2.52 10.97 -11.85
C VAL A 227 1.35 10.87 -12.78
N PRO A 228 1.34 11.76 -13.75
CA PRO A 228 0.31 11.84 -14.78
C PRO A 228 0.17 10.51 -15.48
N ALA A 229 -1.07 10.07 -15.66
CA ALA A 229 -1.35 8.78 -16.27
C ALA A 229 -0.58 8.51 -17.58
N GLY A 230 -0.04 7.30 -17.72
CA GLY A 230 0.67 6.90 -18.92
C GLY A 230 2.09 7.40 -19.08
N SER A 231 2.72 7.80 -17.99
CA SER A 231 4.07 8.32 -18.04
C SER A 231 5.10 7.23 -17.80
N VAL A 232 6.30 7.48 -18.30
CA VAL A 232 7.41 6.59 -18.12
C VAL A 232 8.43 7.45 -17.36
N VAL A 233 8.77 7.03 -16.14
CA VAL A 233 9.66 7.85 -15.29
C VAL A 233 10.98 7.21 -14.95
N VAL A 234 12.03 8.01 -15.00
CA VAL A 234 13.37 7.49 -14.69
C VAL A 234 14.10 8.54 -13.86
N SER A 235 15.14 8.12 -13.16
CA SER A 235 15.92 9.02 -12.33
C SER A 235 16.77 9.96 -13.11
N GLY A 236 16.96 11.14 -12.56
CA GLY A 236 17.82 12.14 -13.18
C GLY A 236 18.25 13.11 -12.10
N ASN A 237 18.74 14.27 -12.53
CA ASN A 237 19.17 15.31 -11.62
C ASN A 237 18.93 16.64 -12.30
N LEU A 238 18.64 17.67 -11.51
CA LEU A 238 18.54 19.02 -12.05
C LEU A 238 19.71 19.84 -11.45
N PRO A 239 20.25 20.76 -12.24
CA PRO A 239 21.40 21.51 -11.79
C PRO A 239 21.09 22.74 -10.97
N SER A 240 22.07 23.18 -10.18
CA SER A 240 21.94 24.37 -9.35
C SER A 240 22.01 25.61 -10.23
N LYS A 241 21.64 26.74 -9.69
CA LYS A 241 21.70 27.95 -10.45
C LYS A 241 23.15 28.21 -10.92
N ASP A 242 24.13 28.06 -10.02
CA ASP A 242 25.54 28.30 -10.40
C ASP A 242 26.19 27.14 -11.13
N GLY A 243 25.43 26.06 -11.30
CA GLY A 243 25.92 24.87 -12.02
C GLY A 243 27.00 24.18 -11.21
N SER A 244 27.06 24.52 -9.93
CA SER A 244 28.02 23.97 -9.00
C SER A 244 27.78 22.50 -8.63
N TYR A 245 26.53 22.07 -8.77
CA TYR A 245 26.17 20.70 -8.44
C TYR A 245 24.77 20.43 -9.00
N SER A 246 24.28 19.21 -8.79
CA SER A 246 22.97 18.85 -9.24
C SER A 246 22.27 17.97 -8.20
N LEU A 247 20.95 18.05 -8.14
CA LEU A 247 20.15 17.27 -7.19
C LEU A 247 19.17 16.33 -7.87
N TYR A 248 18.90 15.20 -7.21
CA TYR A 248 18.00 14.19 -7.73
C TYR A 248 16.63 14.71 -8.09
N CYS A 249 16.04 14.09 -9.10
CA CYS A 249 14.70 14.36 -9.49
C CYS A 249 14.22 13.19 -10.30
N ALA A 250 12.92 13.16 -10.52
CA ALA A 250 12.29 12.14 -11.32
C ALA A 250 11.98 12.80 -12.70
N VAL A 251 12.52 12.26 -13.78
CA VAL A 251 12.26 12.84 -15.11
C VAL A 251 11.26 12.01 -15.93
N ILE A 252 10.22 12.67 -16.46
CA ILE A 252 9.24 12.00 -17.34
C ILE A 252 9.86 12.05 -18.75
N VAL A 253 10.43 10.92 -19.19
CA VAL A 253 11.16 10.90 -20.46
C VAL A 253 10.25 10.64 -21.66
N LYS A 254 9.06 10.12 -21.42
CA LYS A 254 8.18 9.84 -22.52
C LYS A 254 6.84 9.31 -22.08
N LYS A 255 5.98 9.05 -23.06
CA LYS A 255 4.67 8.47 -22.77
C LYS A 255 4.80 6.99 -23.14
N VAL A 256 4.18 6.13 -22.37
CA VAL A 256 4.24 4.68 -22.58
C VAL A 256 3.92 4.22 -24.04
N ASP A 257 4.67 3.23 -24.54
CA ASP A 257 4.47 2.72 -25.89
C ASP A 257 4.72 1.24 -26.07
N ALA A 258 4.71 0.81 -27.33
CA ALA A 258 4.88 -0.60 -27.66
C ALA A 258 6.16 -1.13 -27.19
N LYS A 259 7.18 -0.30 -27.29
CA LYS A 259 8.54 -0.69 -26.89
C LYS A 259 8.53 -0.85 -25.39
N THR A 260 8.01 0.16 -24.71
CA THR A 260 7.90 0.10 -23.27
C THR A 260 7.06 -1.10 -22.84
N ARG A 261 5.89 -1.25 -23.47
CA ARG A 261 4.97 -2.34 -23.13
C ARG A 261 5.60 -3.72 -23.18
N GLY A 262 6.57 -3.90 -24.07
CA GLY A 262 7.20 -5.21 -24.23
C GLY A 262 8.04 -5.63 -23.04
N LYS A 263 8.48 -4.65 -22.25
CA LYS A 263 9.33 -4.91 -21.09
C LYS A 263 8.62 -5.00 -19.75
N VAL A 264 7.40 -4.48 -19.69
CA VAL A 264 6.69 -4.41 -18.42
C VAL A 264 5.40 -5.19 -18.27
N GLY A 265 5.13 -6.06 -19.22
CA GLY A 265 3.91 -6.87 -19.19
C GLY A 265 3.75 -7.94 -18.10
N ILE A 266 2.48 -8.21 -17.79
CA ILE A 266 2.10 -9.22 -16.82
C ILE A 266 2.09 -10.57 -17.50
N ASN A 267 2.42 -11.60 -16.73
CA ASN A 267 2.49 -12.96 -17.21
C ASN A 267 1.30 -13.82 -16.70
N GLU A 268 0.23 -13.82 -17.51
CA GLU A 268 -1.03 -14.55 -17.23
C GLU A 268 -0.87 -15.99 -16.83
N LEU A 269 0.17 -16.63 -17.32
CA LEU A 269 0.41 -18.00 -17.00
C LEU A 269 0.75 -18.10 -15.52
N LEU A 270 1.21 -17.00 -14.96
CA LEU A 270 1.54 -17.00 -13.54
C LEU A 270 0.28 -16.84 -12.70
N ARG A 271 -0.78 -16.33 -13.33
CA ARG A 271 -2.04 -16.08 -12.63
C ARG A 271 -2.86 -17.34 -12.32
N THR A 272 -4.00 -17.16 -11.65
CA THR A 272 -4.89 -18.28 -11.26
C THR A 272 -5.55 -18.95 -12.46
N ILE A 273 -5.47 -20.27 -12.49
CA ILE A 273 -6.04 -21.07 -13.58
C ILE A 273 -7.51 -21.40 -13.29
N ASP A 274 -8.40 -20.91 -14.16
CA ASP A 274 -9.84 -21.11 -14.01
C ASP A 274 -10.27 -22.50 -14.49
#